data_6SX2
#
_entry.id   6SX2
#
_cell.length_a   40.690
_cell.length_b   102.038
_cell.length_c   102.696
_cell.angle_alpha   90.000
_cell.angle_beta   90.000
_cell.angle_gamma   90.000
#
_symmetry.space_group_name_H-M   'P 21 21 21'
#
loop_
_entity.id
_entity.type
_entity.pdbx_description
1 polymer 'Non-structural protein 1'
2 polymer "RNA (5'-R(*GP*GP*UP*AP*AP*CP*UP*GP*UP*UP*AP*CP*AP*GP*UP*UP*AP*CP*C)-3')"
3 non-polymer 1,2-ETHANEDIOL
4 water water
#
loop_
_entity_poly.entity_id
_entity_poly.type
_entity_poly.pdbx_seq_one_letter_code
_entity_poly.pdbx_strand_id
1 'polypeptide(L)' GSHMSDSNTITSFQVDCYLWHIRKLLSMRDMCDAPFDDRLRADQAALKGRGSTLGLDLRVATMEGKKIVEDILKSET A,B
2 'polyribonucleotide' GGUAACUGUUACAGUUACC C,D
#
loop_
_chem_comp.id
_chem_comp.type
_chem_comp.name
_chem_comp.formula
A RNA linking ADENOSINE-5'-MONOPHOSPHATE 'C10 H14 N5 O7 P'
C RNA linking CYTIDINE-5'-MONOPHOSPHATE 'C9 H14 N3 O8 P'
EDO non-polymer 1,2-ETHANEDIOL 'C2 H6 O2'
G RNA linking GUANOSINE-5'-MONOPHOSPHATE 'C10 H14 N5 O8 P'
U RNA linking URIDINE-5'-MONOPHOSPHATE 'C9 H13 N2 O9 P'
#
# COMPACT_ATOMS: atom_id res chain seq x y z
N SER A 5 14.19 -14.79 14.06
CA SER A 5 13.44 -13.74 13.38
C SER A 5 12.20 -13.31 14.15
N ASP A 6 11.72 -12.10 13.86
CA ASP A 6 10.57 -11.51 14.55
C ASP A 6 9.34 -11.61 13.66
N SER A 7 8.26 -12.18 14.20
CA SER A 7 7.13 -12.54 13.36
C SER A 7 6.50 -11.31 12.70
N ASN A 8 6.24 -10.24 13.48
CA ASN A 8 5.57 -9.08 12.90
C ASN A 8 6.49 -8.32 11.95
N THR A 9 7.80 -8.41 12.15
CA THR A 9 8.72 -7.82 11.18
C THR A 9 8.58 -8.50 9.82
N ILE A 10 8.53 -9.82 9.82
CA ILE A 10 8.39 -10.55 8.57
C ILE A 10 7.04 -10.26 7.96
N THR A 11 5.97 -10.29 8.77
CA THR A 11 4.65 -10.00 8.25
C THR A 11 4.59 -8.61 7.62
N SER A 12 5.17 -7.62 8.30
CA SER A 12 5.18 -6.25 7.78
C SER A 12 5.86 -6.16 6.43
N PHE A 13 6.98 -6.85 6.28
CA PHE A 13 7.69 -6.88 5.01
C PHE A 13 6.87 -7.56 3.93
N GLN A 14 6.27 -8.72 4.23
CA GLN A 14 5.46 -9.40 3.23
C GLN A 14 4.31 -8.52 2.76
N VAL A 15 3.64 -7.83 3.68
CA VAL A 15 2.52 -6.99 3.29
C VAL A 15 3.01 -5.77 2.51
N ASP A 16 4.10 -5.14 2.95
CA ASP A 16 4.65 -4.02 2.19
C ASP A 16 5.02 -4.47 0.78
N CYS A 17 5.57 -5.68 0.62
CA CYS A 17 5.89 -6.20 -0.70
C CYS A 17 4.63 -6.33 -1.56
N TYR A 18 3.57 -6.90 -1.00
CA TYR A 18 2.37 -7.09 -1.81
C TYR A 18 1.73 -5.75 -2.16
N LEU A 19 1.69 -4.80 -1.22
CA LEU A 19 1.11 -3.50 -1.56
C LEU A 19 1.96 -2.77 -2.60
N TRP A 20 3.29 -2.96 -2.59
CA TRP A 20 4.11 -2.41 -3.66
C TRP A 20 3.68 -2.99 -5.00
N HIS A 21 3.39 -4.28 -5.04
CA HIS A 21 2.93 -4.93 -6.25
C HIS A 21 1.64 -4.31 -6.76
N ILE A 22 0.70 -4.01 -5.86
CA ILE A 22 -0.54 -3.35 -6.27
C ILE A 22 -0.25 -1.97 -6.84
N ARG A 23 0.60 -1.20 -6.16
CA ARG A 23 0.95 0.13 -6.64
C ARG A 23 1.62 0.05 -8.02
N LYS A 24 2.51 -0.92 -8.19
CA LYS A 24 3.18 -1.08 -9.48
C LYS A 24 2.17 -1.37 -10.59
N LEU A 25 1.14 -2.19 -10.29
CA LEU A 25 0.10 -2.44 -11.28
C LEU A 25 -0.57 -1.15 -11.72
N LEU A 26 -0.90 -0.28 -10.77
CA LEU A 26 -1.51 1.00 -11.12
C LEU A 26 -0.60 1.83 -12.02
N SER A 27 0.71 1.79 -11.75
CA SER A 27 1.61 2.61 -12.56
C SER A 27 1.76 2.04 -13.96
N MET A 28 1.81 0.71 -14.07
CA MET A 28 1.92 0.07 -15.39
CA MET A 28 1.92 0.07 -15.39
C MET A 28 0.70 0.32 -16.26
N ARG A 29 -0.44 0.65 -15.66
CA ARG A 29 -1.62 1.05 -16.41
CA ARG A 29 -1.62 1.05 -16.41
C ARG A 29 -1.66 2.55 -16.66
N ASP A 30 -0.58 3.25 -16.33
CA ASP A 30 -0.47 4.70 -16.46
C ASP A 30 -1.64 5.42 -15.81
N MET A 31 -2.00 4.98 -14.60
CA MET A 31 -3.08 5.58 -13.85
C MET A 31 -2.61 6.37 -12.65
N CYS A 32 -1.30 6.60 -12.50
CA CYS A 32 -0.78 7.27 -11.33
C CYS A 32 -0.07 8.58 -11.72
N ASP A 33 0.15 9.43 -10.71
CA ASP A 33 0.83 10.68 -10.95
C ASP A 33 2.33 10.53 -10.70
N ALA A 34 3.09 11.58 -11.01
CA ALA A 34 4.54 11.47 -10.89
C ALA A 34 5.03 11.21 -9.46
N PRO A 35 4.50 11.84 -8.41
CA PRO A 35 4.99 11.50 -7.06
C PRO A 35 4.74 10.05 -6.67
N PHE A 36 3.61 9.48 -7.08
CA PHE A 36 3.33 8.08 -6.86
C PHE A 36 4.42 7.20 -7.47
N ASP A 37 4.85 7.54 -8.69
CA ASP A 37 5.93 6.80 -9.33
C ASP A 37 7.26 7.02 -8.61
N ASP A 38 7.50 8.24 -8.10
CA ASP A 38 8.72 8.48 -7.32
C ASP A 38 8.74 7.60 -6.07
N ARG A 39 7.60 7.48 -5.39
CA ARG A 39 7.53 6.63 -4.20
C ARG A 39 7.73 5.17 -4.55
N LEU A 40 7.17 4.74 -5.69
CA LEU A 40 7.36 3.37 -6.14
CA LEU A 40 7.36 3.37 -6.12
C LEU A 40 8.84 3.05 -6.32
N ARG A 41 9.56 3.98 -6.97
CA ARG A 41 10.98 3.79 -7.24
C ARG A 41 11.76 3.71 -5.93
N ALA A 42 11.52 4.66 -5.02
CA ALA A 42 12.24 4.67 -3.75
C ALA A 42 11.92 3.42 -2.94
N ASP A 43 10.65 3.01 -2.91
CA ASP A 43 10.26 1.87 -2.10
C ASP A 43 10.79 0.57 -2.68
N GLN A 44 10.99 0.49 -4.00
CA GLN A 44 11.55 -0.72 -4.56
C GLN A 44 12.97 -0.94 -4.05
N ALA A 45 13.76 0.14 -3.99
CA ALA A 45 15.11 0.03 -3.44
C ALA A 45 15.07 -0.33 -1.96
N ALA A 46 14.15 0.27 -1.21
CA ALA A 46 14.05 0.01 0.23
C ALA A 46 13.66 -1.44 0.51
N LEU A 47 12.72 -1.98 -0.29
CA LEU A 47 12.29 -3.35 -0.08
C LEU A 47 13.40 -4.34 -0.43
N LYS A 48 14.19 -4.03 -1.45
CA LYS A 48 15.36 -4.86 -1.72
C LYS A 48 16.31 -4.86 -0.53
N GLY A 49 16.50 -3.72 0.12
CA GLY A 49 17.36 -3.67 1.30
C GLY A 49 16.80 -4.49 2.45
N ARG A 50 15.49 -4.37 2.71
CA ARG A 50 14.87 -5.13 3.78
C ARG A 50 14.91 -6.63 3.48
N GLY A 51 14.63 -7.01 2.24
CA GLY A 51 14.68 -8.42 1.90
C GLY A 51 16.06 -9.01 2.11
N SER A 52 17.10 -8.26 1.73
CA SER A 52 18.45 -8.71 1.98
C SER A 52 18.72 -8.82 3.48
N THR A 53 18.25 -7.84 4.24
CA THR A 53 18.42 -7.86 5.69
C THR A 53 17.75 -9.07 6.33
N LEU A 54 16.53 -9.39 5.90
CA LEU A 54 15.77 -10.52 6.43
C LEU A 54 16.13 -11.85 5.78
N GLY A 55 16.95 -11.86 4.73
CA GLY A 55 17.24 -13.09 4.01
C GLY A 55 16.02 -13.68 3.33
N LEU A 56 15.12 -12.84 2.81
CA LEU A 56 13.88 -13.29 2.21
C LEU A 56 13.80 -12.91 0.75
N ASP A 57 13.35 -13.85 -0.07
CA ASP A 57 13.16 -13.61 -1.49
C ASP A 57 11.95 -12.73 -1.73
N LEU A 58 12.10 -11.70 -2.57
CA LEU A 58 11.02 -10.73 -2.70
C LEU A 58 9.80 -11.30 -3.40
N ARG A 59 10.01 -12.14 -4.43
CA ARG A 59 8.85 -12.73 -5.12
C ARG A 59 8.03 -13.60 -4.17
N VAL A 60 8.69 -14.42 -3.36
CA VAL A 60 7.96 -15.24 -2.39
C VAL A 60 7.31 -14.38 -1.33
N ALA A 61 8.02 -13.38 -0.81
CA ALA A 61 7.42 -12.51 0.20
C ALA A 61 6.19 -11.80 -0.33
N THR A 62 6.19 -11.47 -1.63
CA THR A 62 5.05 -10.81 -2.24
C THR A 62 3.83 -11.74 -2.25
N MET A 63 4.04 -13.01 -2.63
CA MET A 63 2.93 -13.97 -2.60
C MET A 63 2.41 -14.16 -1.18
N GLU A 64 3.32 -14.19 -0.20
CA GLU A 64 2.88 -14.39 1.17
C GLU A 64 2.14 -13.18 1.69
N GLY A 65 2.52 -11.97 1.25
CA GLY A 65 1.76 -10.79 1.61
C GLY A 65 0.38 -10.80 0.99
N LYS A 66 0.25 -11.36 -0.22
CA LYS A 66 -1.06 -11.48 -0.84
C LYS A 66 -2.00 -12.33 0.01
N LYS A 67 -1.53 -13.48 0.49
CA LYS A 67 -2.36 -14.31 1.36
C LYS A 67 -2.75 -13.58 2.64
N ILE A 68 -1.79 -12.92 3.28
CA ILE A 68 -2.08 -12.22 4.53
C ILE A 68 -3.14 -11.14 4.32
N VAL A 69 -2.98 -10.31 3.27
CA VAL A 69 -3.94 -9.25 2.99
C VAL A 69 -5.31 -9.82 2.66
N GLU A 70 -5.36 -10.87 1.83
CA GLU A 70 -6.66 -11.49 1.55
C GLU A 70 -7.30 -12.05 2.81
N ASP A 71 -6.52 -12.69 3.69
CA ASP A 71 -7.09 -13.24 4.92
C ASP A 71 -7.65 -12.13 5.79
N ILE A 72 -6.94 -11.02 5.88
CA ILE A 72 -7.42 -9.92 6.72
C ILE A 72 -8.70 -9.33 6.15
N LEU A 73 -8.72 -9.08 4.83
CA LEU A 73 -9.91 -8.49 4.24
C LEU A 73 -11.09 -9.45 4.32
N LYS A 74 -10.82 -10.75 4.25
CA LYS A 74 -11.90 -11.73 4.36
C LYS A 74 -12.56 -11.71 5.74
N SER A 75 -11.79 -11.42 6.79
CA SER A 75 -12.34 -11.40 8.14
C SER A 75 -12.77 -10.00 8.59
N GLU A 76 -12.67 -9.00 7.72
CA GLU A 76 -13.06 -7.63 8.06
C GLU A 76 -14.56 -7.54 8.34
N SER B 5 -9.31 19.47 -12.28
CA SER B 5 -8.71 18.32 -11.61
C SER B 5 -7.83 17.52 -12.56
N ASP B 6 -6.89 16.76 -11.99
CA ASP B 6 -6.03 15.87 -12.75
C ASP B 6 -6.42 14.43 -12.41
N SER B 7 -6.79 13.66 -13.43
CA SER B 7 -7.38 12.35 -13.18
C SER B 7 -6.42 11.43 -12.41
N ASN B 8 -5.16 11.36 -12.84
CA ASN B 8 -4.22 10.44 -12.21
C ASN B 8 -3.87 10.88 -10.81
N THR B 9 -3.90 12.18 -10.55
CA THR B 9 -3.68 12.68 -9.19
C THR B 9 -4.78 12.19 -8.25
N ILE B 10 -6.03 12.31 -8.67
CA ILE B 10 -7.14 11.82 -7.86
C ILE B 10 -7.05 10.30 -7.70
N THR B 11 -6.78 9.59 -8.79
CA THR B 11 -6.69 8.14 -8.72
C THR B 11 -5.60 7.69 -7.75
N SER B 12 -4.42 8.32 -7.82
CA SER B 12 -3.34 7.99 -6.90
C SER B 12 -3.74 8.24 -5.46
N PHE B 13 -4.45 9.34 -5.21
CA PHE B 13 -4.90 9.62 -3.84
C PHE B 13 -5.88 8.57 -3.34
N GLN B 14 -6.85 8.21 -4.18
CA GLN B 14 -7.84 7.21 -3.77
C GLN B 14 -7.18 5.86 -3.47
N VAL B 15 -6.24 5.44 -4.31
CA VAL B 15 -5.54 4.17 -4.07
C VAL B 15 -4.67 4.26 -2.81
N ASP B 16 -3.94 5.37 -2.63
CA ASP B 16 -3.17 5.53 -1.40
C ASP B 16 -4.07 5.46 -0.17
N CYS B 17 -5.26 6.05 -0.26
CA CYS B 17 -6.21 5.95 0.85
C CYS B 17 -6.60 4.52 1.12
N TYR B 18 -6.92 3.76 0.07
CA TYR B 18 -7.34 2.37 0.30
C TYR B 18 -6.19 1.50 0.81
N LEU B 19 -4.99 1.67 0.27
CA LEU B 19 -3.85 0.90 0.77
C LEU B 19 -3.51 1.27 2.21
N TRP B 20 -3.67 2.55 2.59
CA TRP B 20 -3.57 2.91 4.01
C TRP B 20 -4.54 2.10 4.85
N HIS B 21 -5.80 2.00 4.38
CA HIS B 21 -6.80 1.23 5.10
C HIS B 21 -6.36 -0.22 5.32
N ILE B 22 -5.83 -0.87 4.27
CA ILE B 22 -5.32 -2.23 4.42
C ILE B 22 -4.23 -2.30 5.48
N ARG B 23 -3.27 -1.37 5.41
CA ARG B 23 -2.19 -1.34 6.39
C ARG B 23 -2.73 -1.17 7.80
N LYS B 24 -3.74 -0.32 7.97
CA LYS B 24 -4.30 -0.08 9.29
C LYS B 24 -4.97 -1.34 9.84
N LEU B 25 -5.65 -2.11 8.98
CA LEU B 25 -6.20 -3.39 9.43
C LEU B 25 -5.13 -4.30 9.99
N LEU B 26 -3.95 -4.32 9.36
CA LEU B 26 -2.86 -5.16 9.83
C LEU B 26 -2.38 -4.71 11.21
N SER B 27 -2.18 -3.40 11.37
CA SER B 27 -1.77 -2.86 12.67
C SER B 27 -2.81 -3.15 13.75
N MET B 28 -4.10 -3.01 13.41
CA MET B 28 -5.14 -3.16 14.41
C MET B 28 -5.16 -4.56 15.00
N ARG B 29 -4.79 -5.56 14.19
CA ARG B 29 -4.75 -6.95 14.61
CA ARG B 29 -4.74 -6.96 14.58
C ARG B 29 -3.43 -7.34 15.27
N ASP B 30 -2.56 -6.37 15.56
CA ASP B 30 -1.29 -6.61 16.25
C ASP B 30 -0.35 -7.46 15.40
N MET B 31 -0.39 -7.26 14.09
CA MET B 31 0.42 -8.04 13.16
C MET B 31 1.53 -7.23 12.51
N CYS B 32 1.78 -5.99 12.95
CA CYS B 32 2.80 -5.18 12.31
C CYS B 32 3.91 -4.82 13.30
N ASP B 33 5.04 -4.36 12.77
CA ASP B 33 6.15 -3.94 13.62
C ASP B 33 6.09 -2.43 13.86
N ALA B 34 6.96 -1.95 14.75
CA ALA B 34 6.87 -0.54 15.12
C ALA B 34 7.14 0.42 13.95
N PRO B 35 8.14 0.20 13.08
CA PRO B 35 8.30 1.12 11.95
C PRO B 35 7.09 1.18 11.04
N PHE B 36 6.40 0.05 10.86
CA PHE B 36 5.18 0.03 10.08
C PHE B 36 4.12 0.93 10.70
N ASP B 37 4.01 0.91 12.04
CA ASP B 37 3.08 1.80 12.70
C ASP B 37 3.53 3.25 12.58
N ASP B 38 4.84 3.49 12.62
CA ASP B 38 5.35 4.84 12.42
C ASP B 38 4.94 5.38 11.05
N ARG B 39 5.02 4.55 10.02
CA ARG B 39 4.62 4.99 8.68
C ARG B 39 3.13 5.23 8.60
N LEU B 40 2.33 4.35 9.21
CA LEU B 40 0.88 4.56 9.28
CA LEU B 40 0.89 4.57 9.24
C LEU B 40 0.55 5.94 9.83
N ARG B 41 1.19 6.27 10.94
CA ARG B 41 0.93 7.55 11.60
C ARG B 41 1.28 8.72 10.69
N ALA B 42 2.49 8.69 10.11
CA ALA B 42 2.93 9.77 9.23
C ALA B 42 2.06 9.86 7.98
N ASP B 43 1.73 8.71 7.39
CA ASP B 43 0.94 8.71 6.17
C ASP B 43 -0.49 9.17 6.43
N GLN B 44 -1.03 8.90 7.62
CA GLN B 44 -2.37 9.39 7.93
C GLN B 44 -2.42 10.91 7.88
N ALA B 45 -1.42 11.58 8.49
CA ALA B 45 -1.36 13.03 8.42
C ALA B 45 -1.19 13.50 6.98
N ALA B 46 -0.38 12.79 6.20
CA ALA B 46 -0.14 13.20 4.81
C ALA B 46 -1.40 13.08 3.97
N LEU B 47 -2.16 11.99 4.15
CA LEU B 47 -3.40 11.82 3.41
C LEU B 47 -4.44 12.85 3.81
N LYS B 48 -4.46 13.28 5.07
CA LYS B 48 -5.35 14.38 5.45
C LYS B 48 -4.96 15.65 4.70
N GLY B 49 -3.67 15.94 4.58
CA GLY B 49 -3.25 17.12 3.84
C GLY B 49 -3.62 17.04 2.37
N ARG B 50 -3.38 15.89 1.75
CA ARG B 50 -3.72 15.73 0.34
C ARG B 50 -5.21 15.83 0.13
N GLY B 51 -6.00 15.24 1.02
CA GLY B 51 -7.44 15.29 0.88
C GLY B 51 -7.98 16.72 0.96
N SER B 52 -7.44 17.51 1.88
CA SER B 52 -7.82 18.91 1.94
C SER B 52 -7.35 19.66 0.70
N THR B 53 -6.14 19.37 0.23
CA THR B 53 -5.63 20.01 -0.97
C THR B 53 -6.52 19.73 -2.17
N LEU B 54 -6.97 18.49 -2.32
CA LEU B 54 -7.83 18.08 -3.44
C LEU B 54 -9.30 18.32 -3.17
N GLY B 55 -9.68 18.67 -1.94
CA GLY B 55 -11.08 18.85 -1.61
C GLY B 55 -11.88 17.57 -1.61
N LEU B 56 -11.25 16.45 -1.25
CA LEU B 56 -11.87 15.13 -1.30
C LEU B 56 -12.04 14.56 0.09
N ASP B 57 -13.23 14.01 0.37
CA ASP B 57 -13.46 13.30 1.63
C ASP B 57 -12.65 12.00 1.67
N LEU B 58 -11.98 11.75 2.79
CA LEU B 58 -11.08 10.59 2.86
C LEU B 58 -11.86 9.28 2.84
N ARG B 59 -12.96 9.20 3.59
CA ARG B 59 -13.75 7.98 3.60
C ARG B 59 -14.24 7.62 2.19
N VAL B 60 -14.71 8.62 1.44
CA VAL B 60 -15.20 8.38 0.09
C VAL B 60 -14.05 7.99 -0.85
N ALA B 61 -12.91 8.66 -0.71
CA ALA B 61 -11.77 8.32 -1.55
C ALA B 61 -11.28 6.89 -1.28
N THR B 62 -11.32 6.46 -0.02
CA THR B 62 -10.95 5.09 0.32
C THR B 62 -11.86 4.09 -0.37
N MET B 63 -13.16 4.34 -0.36
CA MET B 63 -14.08 3.43 -1.05
C MET B 63 -13.82 3.41 -2.54
N GLU B 64 -13.55 4.57 -3.12
CA GLU B 64 -13.21 4.62 -4.55
C GLU B 64 -11.90 3.87 -4.82
N GLY B 65 -10.91 4.05 -3.94
CA GLY B 65 -9.67 3.31 -4.09
C GLY B 65 -9.85 1.81 -4.04
N LYS B 66 -10.76 1.35 -3.19
CA LYS B 66 -11.08 -0.08 -3.13
C LYS B 66 -11.54 -0.58 -4.50
N LYS B 67 -12.45 0.16 -5.14
CA LYS B 67 -12.97 -0.23 -6.45
C LYS B 67 -11.85 -0.25 -7.49
N ILE B 68 -10.96 0.75 -7.45
CA ILE B 68 -9.88 0.84 -8.43
C ILE B 68 -8.94 -0.35 -8.27
N VAL B 69 -8.56 -0.65 -7.03
CA VAL B 69 -7.64 -1.76 -6.77
C VAL B 69 -8.28 -3.08 -7.20
N GLU B 70 -9.54 -3.29 -6.82
CA GLU B 70 -10.20 -4.52 -7.23
C GLU B 70 -10.30 -4.63 -8.74
N ASP B 71 -10.47 -3.51 -9.44
CA ASP B 71 -10.59 -3.59 -10.90
C ASP B 71 -9.25 -3.91 -11.56
N ILE B 72 -8.16 -3.30 -11.09
CA ILE B 72 -6.87 -3.57 -11.71
C ILE B 72 -6.37 -4.96 -11.36
N LEU B 73 -6.79 -5.50 -10.22
CA LEU B 73 -6.44 -6.88 -9.89
C LEU B 73 -7.26 -7.86 -10.73
N LYS B 74 -8.55 -7.57 -10.92
CA LYS B 74 -9.38 -8.40 -11.79
C LYS B 74 -8.88 -8.40 -13.22
N SER B 75 -8.14 -7.37 -13.63
CA SER B 75 -7.61 -7.24 -14.97
C SER B 75 -6.18 -7.76 -15.11
N GLU B 76 -5.55 -8.14 -14.00
CA GLU B 76 -4.13 -8.49 -13.99
C GLU B 76 -3.83 -9.72 -14.85
C1 EDO E . 7.65 -6.40 -4.10
O1 EDO E . 6.65 -6.95 -4.98
C2 EDO E . 8.84 -5.86 -4.90
O2 EDO E . 9.63 -6.95 -5.37
C1 EDO F . -0.03 -11.61 -7.47
O1 EDO F . -0.96 -10.51 -7.61
C2 EDO F . 1.28 -11.14 -6.86
O2 EDO F . 1.92 -12.21 -6.14
C1 EDO G . 7.31 0.70 2.68
O1 EDO G . 6.68 1.92 2.27
C2 EDO G . 8.00 0.06 1.48
O2 EDO G . 7.07 -0.05 0.38
C1 EDO H . -7.39 -5.81 -2.36
O1 EDO H . -8.58 -6.18 -3.06
C2 EDO H . -6.35 -6.93 -2.41
O2 EDO H . -6.96 -8.18 -2.06
C1 EDO I . -7.20 7.40 5.82
O1 EDO I . -8.46 7.94 6.21
C2 EDO I . -7.40 6.59 4.54
O2 EDO I . -8.41 5.58 4.69
C1 EDO J . 3.83 -2.24 16.72
O1 EDO J . 3.74 -0.80 16.87
C2 EDO J . 4.64 -2.84 17.85
O2 EDO J . 4.46 -4.26 17.85
C1 EDO K . 0.26 7.84 1.60
O1 EDO K . 0.01 6.60 2.26
C2 EDO K . 1.30 7.64 0.50
O2 EDO K . 2.40 6.88 1.03
C1 EDO L . 10.44 -2.34 9.32
O1 EDO L . 9.05 -2.00 9.03
C2 EDO L . 11.46 -1.57 8.48
O2 EDO L . 11.29 -0.13 8.51
C1 EDO M . -9.79 0.65 9.74
O1 EDO M . -11.05 0.26 9.15
C2 EDO M . -9.51 2.11 9.40
O2 EDO M . -9.22 2.23 8.00
#